data_8YLM
#
_entry.id   8YLM
#
_cell.length_a   56.815
_cell.length_b   57.206
_cell.length_c   60.511
_cell.angle_alpha   67.26
_cell.angle_beta   80.25
_cell.angle_gamma   79.90
#
_symmetry.space_group_name_H-M   'P 1'
#
loop_
_entity.id
_entity.type
_entity.pdbx_description
1 polymer 'Transcriptional regulator, MarR family'
2 non-polymer 'URIC ACID'
3 water water
#
_entity_poly.entity_id   1
_entity_poly.type   'polypeptide(L)'
_entity_poly.pdbx_seq_one_letter_code
;SAKDPVSARMDNDTAALLERIRSDWARLNHGQGPDSDGLTPSAGPMLTLLLLERLHAALGREIERTYAASGLNAAGWDLL
LTLYRSAPPEGLRPTELSALAAISGPSTSNRIVRLLEKGLIERREDERDRRSASIRLTPQGRALVTHLLPAHLATTQRVL
APLSAQEQRTLEELAGRMLAGLEQGV
;
_entity_poly.pdbx_strand_id   A,B,C,D
#
# COMPACT_ATOMS: atom_id res chain seq x y z
N MET A 10 -19.90 25.29 29.96
CA MET A 10 -19.48 23.89 30.00
C MET A 10 -18.23 23.69 30.86
N ASP A 11 -18.28 22.72 31.76
CA ASP A 11 -17.17 22.44 32.66
C ASP A 11 -16.23 21.37 32.12
N ASN A 12 -16.41 20.97 30.85
CA ASN A 12 -15.54 19.97 30.24
C ASN A 12 -14.95 20.43 28.90
N ASP A 13 -15.08 21.72 28.55
CA ASP A 13 -14.50 22.23 27.32
C ASP A 13 -13.08 22.74 27.59
N THR A 14 -12.40 23.21 26.55
CA THR A 14 -11.01 23.60 26.73
C THR A 14 -10.86 24.80 27.68
N ALA A 15 -11.79 25.76 27.62
CA ALA A 15 -11.72 26.88 28.56
C ALA A 15 -11.69 26.40 30.01
N ALA A 16 -12.56 25.45 30.34
CA ALA A 16 -12.59 24.92 31.71
C ALA A 16 -11.31 24.17 32.05
N LEU A 17 -10.81 23.35 31.11
CA LEU A 17 -9.56 22.63 31.35
C LEU A 17 -8.39 23.59 31.54
N LEU A 18 -8.29 24.62 30.68
CA LEU A 18 -7.17 25.56 30.81
C LEU A 18 -7.24 26.33 32.12
N GLU A 19 -8.45 26.62 32.63
CA GLU A 19 -8.56 27.26 33.94
C GLU A 19 -8.08 26.34 35.06
N ARG A 20 -8.40 25.04 34.98
CA ARG A 20 -7.90 24.07 35.96
C ARG A 20 -6.38 23.98 35.90
N ILE A 21 -5.83 23.83 34.70
CA ILE A 21 -4.38 23.75 34.56
C ILE A 21 -3.72 25.02 35.13
N ARG A 22 -4.27 26.18 34.80
CA ARG A 22 -3.75 27.44 35.33
C ARG A 22 -3.74 27.44 36.85
N SER A 23 -4.86 27.04 37.46
CA SER A 23 -4.93 27.04 38.92
C SER A 23 -3.97 26.00 39.50
N ASP A 24 -3.84 24.83 38.85
CA ASP A 24 -2.93 23.80 39.34
C ASP A 24 -1.48 24.27 39.34
N TRP A 25 -1.02 24.90 38.25
CA TRP A 25 0.33 25.46 38.25
C TRP A 25 0.49 26.50 39.34
N ALA A 26 -0.52 27.36 39.50
CA ALA A 26 -0.45 28.41 40.53
C ALA A 26 -0.31 27.79 41.92
N ARG A 27 -1.04 26.71 42.18
CA ARG A 27 -0.92 26.03 43.47
C ARG A 27 0.47 25.44 43.67
N LEU A 28 1.05 24.89 42.62
CA LEU A 28 2.38 24.30 42.67
C LEU A 28 3.44 25.36 42.91
N SER A 42 5.66 31.80 36.02
CA SER A 42 4.33 31.92 35.43
C SER A 42 4.04 30.79 34.45
N ALA A 43 2.81 30.27 34.48
CA ALA A 43 2.36 29.27 33.53
C ALA A 43 1.70 29.91 32.31
N GLY A 44 1.68 31.24 32.27
CA GLY A 44 1.04 32.01 31.22
C GLY A 44 1.36 31.56 29.81
N PRO A 45 2.64 31.56 29.44
CA PRO A 45 3.00 31.13 28.08
C PRO A 45 2.59 29.70 27.75
N MET A 46 2.81 28.76 28.68
CA MET A 46 2.36 27.38 28.47
C MET A 46 0.86 27.32 28.12
N LEU A 47 0.04 28.09 28.85
CA LEU A 47 -1.40 28.07 28.64
C LEU A 47 -1.79 28.66 27.29
N THR A 48 -1.12 29.75 26.86
CA THR A 48 -1.41 30.30 25.55
C THR A 48 -1.14 29.27 24.45
N LEU A 49 -0.01 28.58 24.54
CA LEU A 49 0.32 27.62 23.49
C LEU A 49 -0.55 26.37 23.57
N LEU A 50 -1.01 26.01 24.79
CA LEU A 50 -1.95 24.90 24.93
C LEU A 50 -3.25 25.21 24.21
N LEU A 51 -3.73 26.45 24.33
CA LEU A 51 -4.92 26.87 23.62
C LEU A 51 -4.74 26.75 22.11
N LEU A 52 -3.60 27.22 21.61
CA LEU A 52 -3.34 27.14 20.18
C LEU A 52 -3.23 25.71 19.72
N GLU A 53 -2.63 24.85 20.55
CA GLU A 53 -2.50 23.42 20.23
C GLU A 53 -3.87 22.75 20.16
N ARG A 54 -4.71 22.98 21.17
CA ARG A 54 -6.05 22.41 21.16
C ARG A 54 -6.89 22.97 20.02
N LEU A 55 -6.71 24.24 19.67
CA LEU A 55 -7.42 24.76 18.51
C LEU A 55 -6.96 24.06 17.23
N HIS A 56 -5.65 23.87 17.08
CA HIS A 56 -5.15 23.18 15.89
C HIS A 56 -5.77 21.81 15.76
N ALA A 57 -5.83 21.06 16.86
CA ALA A 57 -6.39 19.71 16.79
C ALA A 57 -7.86 19.74 16.41
N ALA A 58 -8.64 20.63 17.03
CA ALA A 58 -10.07 20.74 16.72
C ALA A 58 -10.30 21.15 15.28
N LEU A 59 -9.51 22.11 14.79
CA LEU A 59 -9.60 22.51 13.39
C LEU A 59 -9.35 21.32 12.47
N GLY A 60 -8.30 20.54 12.76
CA GLY A 60 -8.01 19.39 11.93
C GLY A 60 -9.15 18.40 11.86
N ARG A 61 -9.80 18.13 13.00
CA ARG A 61 -10.92 17.19 12.99
C ARG A 61 -12.08 17.67 12.14
N GLU A 62 -12.29 18.99 12.04
CA GLU A 62 -13.37 19.52 11.19
C GLU A 62 -12.95 19.51 9.72
N ILE A 63 -11.77 20.06 9.44
CA ILE A 63 -11.34 20.28 8.06
C ILE A 63 -11.16 18.96 7.33
N GLU A 64 -10.58 17.97 8.01
CA GLU A 64 -10.31 16.72 7.29
C GLU A 64 -11.57 15.96 6.89
N ARG A 65 -12.74 16.29 7.46
CA ARG A 65 -13.95 15.57 7.07
C ARG A 65 -14.34 15.83 5.61
N THR A 66 -13.82 16.90 5.00
CA THR A 66 -14.14 17.16 3.60
C THR A 66 -13.62 16.05 2.69
N TYR A 67 -12.39 15.60 2.91
CA TYR A 67 -11.74 14.67 1.99
C TYR A 67 -11.56 13.28 2.58
N ALA A 68 -12.03 13.05 3.81
CA ALA A 68 -11.82 11.76 4.46
C ALA A 68 -12.42 10.61 3.67
N ALA A 69 -13.62 10.79 3.15
CA ALA A 69 -14.29 9.71 2.43
C ALA A 69 -13.70 9.45 1.05
N SER A 70 -12.74 10.25 0.59
CA SER A 70 -12.07 9.97 -0.67
C SER A 70 -10.76 9.24 -0.48
N GLY A 71 -10.39 8.94 0.78
CA GLY A 71 -9.14 8.25 1.01
C GLY A 71 -7.92 9.14 1.03
N LEU A 72 -8.10 10.46 1.04
CA LEU A 72 -6.98 11.40 1.06
C LEU A 72 -6.65 11.76 2.51
N ASN A 73 -5.36 11.96 2.79
CA ASN A 73 -4.97 12.57 4.05
C ASN A 73 -4.61 14.03 3.79
N ALA A 74 -4.29 14.75 4.86
CA ALA A 74 -4.00 16.18 4.74
C ALA A 74 -2.88 16.44 3.71
N ALA A 75 -1.83 15.62 3.74
CA ALA A 75 -0.74 15.76 2.78
C ALA A 75 -1.23 15.63 1.34
N GLY A 76 -2.09 14.65 1.07
CA GLY A 76 -2.59 14.46 -0.29
C GLY A 76 -3.48 15.61 -0.76
N TRP A 77 -4.40 16.07 0.10
CA TRP A 77 -5.27 17.18 -0.24
C TRP A 77 -4.47 18.45 -0.53
N ASP A 78 -3.43 18.71 0.27
CA ASP A 78 -2.54 19.82 0.04
C ASP A 78 -1.92 19.78 -1.35
N LEU A 79 -1.40 18.62 -1.74
CA LEU A 79 -0.78 18.52 -3.06
C LEU A 79 -1.78 18.76 -4.18
N LEU A 80 -2.94 18.11 -4.12
CA LEU A 80 -3.96 18.29 -5.16
C LEU A 80 -4.38 19.75 -5.25
N LEU A 81 -4.65 20.37 -4.10
CA LEU A 81 -5.04 21.77 -4.11
C LEU A 81 -3.93 22.67 -4.64
N THR A 82 -2.69 22.36 -4.27
CA THR A 82 -1.57 23.15 -4.79
C THR A 82 -1.53 23.10 -6.31
N LEU A 83 -1.69 21.91 -6.89
CA LEU A 83 -1.72 21.82 -8.34
C LEU A 83 -2.89 22.61 -8.90
N TYR A 84 -4.06 22.50 -8.25
CA TYR A 84 -5.27 23.14 -8.74
C TYR A 84 -5.10 24.65 -8.87
N ARG A 85 -4.56 25.28 -7.83
CA ARG A 85 -4.48 26.74 -7.81
C ARG A 85 -3.17 27.29 -8.34
N SER A 86 -2.09 26.51 -8.34
CA SER A 86 -0.78 27.07 -8.62
C SER A 86 -0.05 26.46 -9.80
N ALA A 87 -0.47 25.32 -10.29
CA ALA A 87 0.28 24.74 -11.39
C ALA A 87 -0.17 25.32 -12.72
N PRO A 88 0.75 25.62 -13.63
CA PRO A 88 0.35 25.95 -15.00
C PRO A 88 -0.14 24.70 -15.68
N PRO A 89 -0.77 24.82 -16.85
CA PRO A 89 -1.29 23.62 -17.53
C PRO A 89 -0.24 22.52 -17.73
N GLU A 90 1.02 22.89 -17.98
CA GLU A 90 2.08 21.90 -18.13
C GLU A 90 2.46 21.23 -16.81
N GLY A 91 1.99 21.73 -15.66
CA GLY A 91 2.28 21.12 -14.38
C GLY A 91 3.48 21.75 -13.70
N LEU A 92 3.85 21.17 -12.56
CA LEU A 92 4.96 21.65 -11.75
C LEU A 92 5.99 20.55 -11.54
N ARG A 93 7.26 20.90 -11.74
CA ARG A 93 8.33 20.00 -11.41
C ARG A 93 8.43 19.89 -9.89
N PRO A 94 9.00 18.80 -9.37
CA PRO A 94 8.85 18.51 -7.93
C PRO A 94 9.38 19.59 -6.99
N THR A 95 10.54 20.19 -7.28
CA THR A 95 11.04 21.27 -6.41
C THR A 95 10.04 22.42 -6.31
N GLU A 96 9.54 22.90 -7.46
CA GLU A 96 8.58 24.01 -7.43
C GLU A 96 7.29 23.60 -6.74
N LEU A 97 6.84 22.37 -6.99
CA LEU A 97 5.62 21.88 -6.37
C LEU A 97 5.73 21.85 -4.85
N SER A 98 6.84 21.31 -4.33
CA SER A 98 7.05 21.31 -2.89
C SER A 98 7.08 22.72 -2.32
N ALA A 99 7.65 23.67 -3.06
CA ALA A 99 7.78 25.04 -2.56
C ALA A 99 6.45 25.78 -2.53
N LEU A 100 5.51 25.41 -3.40
CA LEU A 100 4.22 26.09 -3.46
C LEU A 100 3.15 25.40 -2.60
N ALA A 101 3.43 24.21 -2.10
CA ALA A 101 2.50 23.50 -1.25
C ALA A 101 2.50 24.10 0.14
N ALA A 102 1.37 23.94 0.85
CA ALA A 102 1.25 24.53 2.18
C ALA A 102 1.83 23.65 3.28
N ILE A 103 1.96 22.34 3.05
CA ILE A 103 2.52 21.45 4.05
C ILE A 103 3.90 21.04 3.56
N SER A 104 4.89 21.18 4.43
CA SER A 104 6.24 20.69 4.17
C SER A 104 6.70 19.96 5.43
N GLY A 105 7.48 18.91 5.25
CA GLY A 105 7.95 18.17 6.39
C GLY A 105 7.69 16.68 6.25
N PRO A 106 7.90 15.93 7.34
CA PRO A 106 7.84 14.46 7.26
C PRO A 106 6.49 13.88 6.85
N SER A 107 5.37 14.56 7.13
CA SER A 107 4.08 13.98 6.76
C SER A 107 3.84 13.96 5.25
N THR A 108 4.64 14.70 4.46
CA THR A 108 4.48 14.73 3.02
C THR A 108 5.28 13.63 2.32
N SER A 109 5.94 12.76 3.08
CA SER A 109 6.70 11.68 2.50
C SER A 109 5.82 10.79 1.65
N ASN A 110 6.23 10.55 0.41
CA ASN A 110 5.60 9.59 -0.52
C ASN A 110 4.24 10.03 -1.02
N ARG A 111 3.82 11.29 -0.81
CA ARG A 111 2.49 11.69 -1.26
C ARG A 111 2.40 11.74 -2.78
N ILE A 112 3.47 12.09 -3.47
CA ILE A 112 3.44 12.04 -4.94
C ILE A 112 3.25 10.60 -5.40
N VAL A 113 4.04 9.67 -4.84
CA VAL A 113 3.89 8.25 -5.18
C VAL A 113 2.45 7.81 -4.95
N ARG A 114 1.91 8.09 -3.76
CA ARG A 114 0.58 7.64 -3.40
C ARG A 114 -0.49 8.20 -4.33
N LEU A 115 -0.36 9.47 -4.72
CA LEU A 115 -1.36 10.08 -5.58
C LEU A 115 -1.24 9.57 -7.02
N LEU A 116 -0.03 9.18 -7.44
CA LEU A 116 0.12 8.53 -8.73
C LEU A 116 -0.58 7.16 -8.74
N GLU A 117 -0.33 6.36 -7.70
CA GLU A 117 -1.01 5.07 -7.58
C GLU A 117 -2.52 5.24 -7.56
N LYS A 118 -3.02 6.35 -7.02
CA LYS A 118 -4.44 6.68 -7.02
C LYS A 118 -4.94 7.21 -8.35
N GLY A 119 -4.05 7.58 -9.27
CA GLY A 119 -4.50 8.11 -10.55
C GLY A 119 -5.02 9.52 -10.50
N LEU A 120 -4.68 10.28 -9.47
CA LEU A 120 -5.15 11.65 -9.34
C LEU A 120 -4.17 12.66 -9.91
N ILE A 121 -2.90 12.27 -10.04
CA ILE A 121 -1.89 13.09 -10.67
C ILE A 121 -1.13 12.22 -11.64
N GLU A 122 -0.41 12.87 -12.56
CA GLU A 122 0.34 12.16 -13.59
C GLU A 122 1.63 12.91 -13.86
N ARG A 123 2.56 12.21 -14.48
CA ARG A 123 3.82 12.82 -14.88
C ARG A 123 3.81 13.14 -16.36
N ARG A 124 4.40 14.26 -16.70
CA ARG A 124 4.72 14.65 -18.06
C ARG A 124 6.25 14.56 -18.13
N GLU A 125 6.75 13.49 -18.73
CA GLU A 125 8.18 13.18 -18.66
C GLU A 125 8.99 14.04 -19.63
N ASP A 126 10.19 14.41 -19.21
CA ASP A 126 11.10 15.15 -20.08
C ASP A 126 11.63 14.23 -21.18
N GLU A 127 11.69 14.74 -22.41
CA GLU A 127 12.14 13.96 -23.55
C GLU A 127 13.66 13.72 -23.55
N ARG A 128 14.43 14.51 -22.80
CA ARG A 128 15.89 14.37 -22.78
C ARG A 128 16.41 13.77 -21.48
N ASP A 129 15.98 14.31 -20.35
CA ASP A 129 16.36 13.82 -19.02
C ASP A 129 15.12 13.20 -18.40
N ARG A 130 14.96 11.90 -18.60
CA ARG A 130 13.78 11.21 -18.11
C ARG A 130 13.69 11.18 -16.58
N ARG A 131 14.75 11.57 -15.89
CA ARG A 131 14.68 11.72 -14.44
C ARG A 131 13.79 12.89 -14.04
N SER A 132 13.75 13.94 -14.85
CA SER A 132 12.92 15.11 -14.56
C SER A 132 11.55 14.94 -15.20
N ALA A 133 10.51 15.39 -14.48
CA ALA A 133 9.18 15.41 -15.07
C ALA A 133 8.28 16.33 -14.24
N SER A 134 7.46 17.11 -14.93
CA SER A 134 6.46 17.95 -14.28
C SER A 134 5.25 17.09 -13.91
N ILE A 135 4.58 17.49 -12.83
CA ILE A 135 3.44 16.76 -12.28
C ILE A 135 2.19 17.62 -12.45
N ARG A 136 1.08 16.98 -12.86
CA ARG A 136 -0.18 17.70 -12.98
C ARG A 136 -1.34 16.81 -12.57
N LEU A 137 -2.46 17.45 -12.28
CA LEU A 137 -3.71 16.74 -12.04
C LEU A 137 -4.16 15.99 -13.29
N THR A 138 -4.63 14.78 -13.09
CA THR A 138 -5.34 14.05 -14.13
C THR A 138 -6.77 14.58 -14.21
N PRO A 139 -7.53 14.22 -15.25
CA PRO A 139 -8.95 14.58 -15.26
C PRO A 139 -9.68 14.13 -14.00
N GLN A 140 -9.35 12.94 -13.49
CA GLN A 140 -9.97 12.45 -12.26
C GLN A 140 -9.55 13.31 -11.06
N GLY A 141 -8.26 13.61 -10.95
CA GLY A 141 -7.82 14.47 -9.87
C GLY A 141 -8.50 15.82 -9.90
N ARG A 142 -8.54 16.44 -11.08
CA ARG A 142 -9.22 17.72 -11.21
C ARG A 142 -10.70 17.60 -10.87
N ALA A 143 -11.33 16.50 -11.29
CA ALA A 143 -12.74 16.30 -10.95
C ALA A 143 -12.92 16.17 -9.45
N LEU A 144 -12.03 15.45 -8.78
CA LEU A 144 -12.13 15.30 -7.33
C LEU A 144 -12.04 16.64 -6.62
N VAL A 145 -11.05 17.46 -6.99
CA VAL A 145 -10.87 18.77 -6.34
C VAL A 145 -12.12 19.63 -6.52
N THR A 146 -12.62 19.69 -7.76
CA THR A 146 -13.82 20.46 -8.06
C THR A 146 -15.01 20.01 -7.23
N HIS A 147 -15.15 18.70 -7.07
CA HIS A 147 -16.27 18.13 -6.30
C HIS A 147 -16.19 18.51 -4.83
N LEU A 148 -14.99 18.43 -4.24
CA LEU A 148 -14.79 18.61 -2.80
C LEU A 148 -14.57 20.06 -2.39
N LEU A 149 -14.07 20.90 -3.30
CA LEU A 149 -13.74 22.28 -2.93
C LEU A 149 -14.90 23.07 -2.33
N PRO A 150 -16.15 22.99 -2.82
CA PRO A 150 -17.25 23.71 -2.16
C PRO A 150 -17.38 23.41 -0.67
N ALA A 151 -17.25 22.14 -0.28
CA ALA A 151 -17.35 21.81 1.14
C ALA A 151 -16.14 22.32 1.90
N HIS A 152 -14.96 22.29 1.28
CA HIS A 152 -13.79 22.84 1.93
C HIS A 152 -13.96 24.34 2.17
N LEU A 153 -14.41 25.07 1.15
CA LEU A 153 -14.63 26.50 1.33
C LEU A 153 -15.69 26.77 2.39
N ALA A 154 -16.79 26.02 2.38
CA ALA A 154 -17.82 26.22 3.39
C ALA A 154 -17.27 25.94 4.79
N THR A 155 -16.50 24.86 4.93
CA THR A 155 -15.97 24.46 6.23
C THR A 155 -14.93 25.47 6.74
N THR A 156 -14.00 25.89 5.89
CA THR A 156 -13.02 26.88 6.35
C THR A 156 -13.72 28.19 6.73
N GLN A 157 -14.75 28.57 6.00
CA GLN A 157 -15.51 29.74 6.41
C GLN A 157 -16.24 29.50 7.73
N ARG A 158 -16.80 28.31 7.92
CA ARG A 158 -17.58 28.01 9.12
C ARG A 158 -16.73 28.08 10.39
N VAL A 159 -15.54 27.46 10.37
CA VAL A 159 -14.72 27.42 11.58
C VAL A 159 -14.20 28.81 11.97
N LEU A 160 -14.21 29.77 11.04
CA LEU A 160 -13.82 31.15 11.34
C LEU A 160 -15.00 32.08 11.66
N ALA A 161 -16.21 31.64 11.43
CA ALA A 161 -17.40 32.45 11.57
C ALA A 161 -17.56 33.11 12.95
N PRO A 162 -17.08 32.51 14.05
CA PRO A 162 -17.13 33.24 15.33
C PRO A 162 -16.42 34.59 15.32
N LEU A 163 -15.46 34.80 14.42
CA LEU A 163 -14.68 36.04 14.34
C LEU A 163 -15.19 36.94 13.23
N SER A 164 -15.24 38.24 13.50
CA SER A 164 -15.52 39.22 12.47
C SER A 164 -14.35 39.32 11.49
N ALA A 165 -14.60 40.02 10.38
CA ALA A 165 -13.55 40.28 9.39
C ALA A 165 -12.35 40.96 10.03
N GLN A 166 -12.60 41.99 10.85
CA GLN A 166 -11.50 42.68 11.52
C GLN A 166 -10.75 41.73 12.47
N GLU A 167 -11.49 40.92 13.23
CA GLU A 167 -10.87 39.97 14.15
C GLU A 167 -10.03 38.93 13.42
N GLN A 168 -10.50 38.49 12.24
CA GLN A 168 -9.70 37.58 11.43
C GLN A 168 -8.42 38.23 10.95
N ARG A 169 -8.48 39.51 10.56
CA ARG A 169 -7.26 40.23 10.23
C ARG A 169 -6.34 40.36 11.45
N THR A 170 -6.91 40.61 12.63
CA THR A 170 -6.07 40.74 13.81
C THR A 170 -5.42 39.40 14.16
N LEU A 171 -6.18 38.32 14.09
CA LEU A 171 -5.59 37.01 14.35
C LEU A 171 -4.40 36.76 13.43
N GLU A 172 -4.56 37.06 12.13
CA GLU A 172 -3.49 36.86 11.16
C GLU A 172 -2.27 37.73 11.48
N GLU A 173 -2.47 39.01 11.84
CA GLU A 173 -1.33 39.86 12.17
C GLU A 173 -0.53 39.27 13.34
N LEU A 174 -1.23 38.83 14.38
CA LEU A 174 -0.57 38.33 15.57
C LEU A 174 0.08 36.98 15.32
N ALA A 175 -0.66 36.05 14.70
CA ALA A 175 -0.07 34.76 14.34
C ALA A 175 1.10 34.94 13.38
N GLY A 176 0.95 35.87 12.43
CA GLY A 176 2.02 36.12 11.48
C GLY A 176 3.28 36.64 12.12
N ARG A 177 3.14 37.52 13.11
CA ARG A 177 4.32 38.03 13.81
C ARG A 177 5.02 36.94 14.62
N MET A 178 4.24 36.06 15.28
CA MET A 178 4.85 34.92 15.96
C MET A 178 5.62 34.04 14.99
N LEU A 179 4.98 33.67 13.87
CA LEU A 179 5.63 32.79 12.90
C LEU A 179 6.88 33.44 12.31
N ALA A 180 6.79 34.73 11.97
CA ALA A 180 7.96 35.45 11.47
C ALA A 180 9.13 35.38 12.46
N GLY A 181 8.83 35.47 13.76
CA GLY A 181 9.87 35.34 14.76
C GLY A 181 10.55 33.99 14.73
N LEU A 182 9.80 32.93 14.42
CA LEU A 182 10.33 31.58 14.35
C LEU A 182 11.05 31.30 13.04
N GLU A 183 10.75 32.08 11.99
CA GLU A 183 11.36 31.87 10.68
C GLU A 183 12.53 32.79 10.42
N GLN A 184 12.72 33.83 11.24
CA GLN A 184 13.83 34.76 11.06
C GLN A 184 15.09 34.24 11.74
N ASN B 12 11.23 33.86 0.97
CA ASN B 12 11.03 32.41 1.08
C ASN B 12 10.40 31.97 2.41
N ASP B 13 9.86 32.92 3.18
CA ASP B 13 9.19 32.62 4.45
C ASP B 13 7.69 32.39 4.22
N THR B 14 6.97 32.10 5.29
CA THR B 14 5.55 31.79 5.14
C THR B 14 4.75 32.99 4.66
N ALA B 15 5.10 34.19 5.13
CA ALA B 15 4.41 35.39 4.65
C ALA B 15 4.49 35.50 3.13
N ALA B 16 5.67 35.25 2.56
CA ALA B 16 5.82 35.34 1.10
C ALA B 16 5.01 34.28 0.39
N LEU B 17 5.03 33.04 0.91
CA LEU B 17 4.24 31.98 0.30
C LEU B 17 2.75 32.28 0.34
N LEU B 18 2.27 32.79 1.50
CA LEU B 18 0.84 33.07 1.64
C LEU B 18 0.38 34.17 0.67
N GLU B 19 1.21 35.18 0.43
CA GLU B 19 0.82 36.18 -0.56
C GLU B 19 0.77 35.57 -1.96
N ARG B 20 1.70 34.65 -2.26
CA ARG B 20 1.67 33.93 -3.52
C ARG B 20 0.41 33.11 -3.69
N ILE B 21 0.09 32.29 -2.67
CA ILE B 21 -1.11 31.46 -2.72
C ILE B 21 -2.35 32.33 -2.88
N ARG B 22 -2.40 33.44 -2.12
CA ARG B 22 -3.52 34.36 -2.25
C ARG B 22 -3.62 34.92 -3.67
N SER B 23 -2.48 35.30 -4.24
CA SER B 23 -2.44 35.79 -5.62
C SER B 23 -2.91 34.72 -6.61
N ASP B 24 -2.46 33.48 -6.41
CA ASP B 24 -2.84 32.39 -7.30
C ASP B 24 -4.35 32.13 -7.26
N TRP B 25 -4.93 32.08 -6.05
CA TRP B 25 -6.39 31.91 -5.95
C TRP B 25 -7.13 33.06 -6.62
N ALA B 26 -6.68 34.30 -6.39
CA ALA B 26 -7.34 35.43 -7.03
C ALA B 26 -7.31 35.31 -8.55
N ARG B 27 -6.20 34.81 -9.10
CA ARG B 27 -6.11 34.64 -10.54
C ARG B 27 -7.09 33.58 -11.03
N LEU B 28 -7.20 32.49 -10.27
CA LEU B 28 -8.11 31.42 -10.63
C LEU B 28 -9.56 31.86 -10.50
N ASN B 29 -9.86 32.67 -9.47
CA ASN B 29 -11.24 33.07 -9.18
C ASN B 29 -11.70 34.27 -10.00
N HIS B 30 -10.84 34.87 -10.84
CA HIS B 30 -11.26 35.98 -11.68
C HIS B 30 -11.88 35.48 -12.97
N PRO B 41 -16.67 32.92 -3.96
CA PRO B 41 -15.47 32.09 -3.91
C PRO B 41 -14.24 32.85 -3.42
N SER B 42 -14.16 33.10 -2.12
CA SER B 42 -13.02 33.79 -1.53
C SER B 42 -12.06 32.77 -0.93
N ALA B 43 -10.76 33.03 -1.07
CA ALA B 43 -9.73 32.22 -0.44
C ALA B 43 -9.34 32.75 0.94
N GLY B 44 -10.02 33.80 1.40
CA GLY B 44 -9.72 34.45 2.67
C GLY B 44 -9.55 33.48 3.83
N PRO B 45 -10.63 32.76 4.16
CA PRO B 45 -10.54 31.80 5.27
C PRO B 45 -9.50 30.71 5.06
N MET B 46 -9.38 30.14 3.85
CA MET B 46 -8.33 29.17 3.60
C MET B 46 -6.96 29.71 4.02
N LEU B 47 -6.67 30.96 3.67
CA LEU B 47 -5.36 31.55 3.97
C LEU B 47 -5.15 31.78 5.47
N THR B 48 -6.19 32.21 6.17
CA THR B 48 -6.08 32.36 7.62
C THR B 48 -5.72 31.01 8.27
N LEU B 49 -6.38 29.92 7.87
CA LEU B 49 -6.10 28.62 8.49
C LEU B 49 -4.75 28.07 8.05
N LEU B 50 -4.31 28.41 6.83
CA LEU B 50 -2.97 27.99 6.42
C LEU B 50 -1.92 28.63 7.32
N LEU B 51 -2.11 29.90 7.66
CA LEU B 51 -1.18 30.58 8.56
C LEU B 51 -1.16 29.88 9.91
N LEU B 52 -2.35 29.57 10.45
CA LEU B 52 -2.40 28.89 11.74
C LEU B 52 -1.75 27.52 11.66
N GLU B 53 -1.96 26.81 10.55
CA GLU B 53 -1.34 25.49 10.37
C GLU B 53 0.19 25.59 10.31
N ARG B 54 0.70 26.56 9.55
CA ARG B 54 2.16 26.75 9.47
C ARG B 54 2.72 27.14 10.82
N LEU B 55 2.00 27.98 11.57
CA LEU B 55 2.47 28.37 12.90
C LEU B 55 2.51 27.16 13.82
N HIS B 56 1.47 26.31 13.78
CA HIS B 56 1.46 25.11 14.61
C HIS B 56 2.67 24.23 14.33
N ALA B 57 2.98 24.02 13.06
CA ALA B 57 4.12 23.18 12.70
C ALA B 57 5.43 23.79 13.22
N ALA B 58 5.62 25.09 13.00
CA ALA B 58 6.83 25.78 13.44
C ALA B 58 6.96 25.75 14.96
N LEU B 59 5.86 26.00 15.68
CA LEU B 59 5.88 25.89 17.14
C LEU B 59 6.33 24.50 17.59
N GLY B 60 5.75 23.47 16.98
CA GLY B 60 6.07 22.10 17.36
C GLY B 60 7.54 21.76 17.20
N ARG B 61 8.14 22.20 16.09
CA ARG B 61 9.57 21.95 15.87
C ARG B 61 10.42 22.62 16.94
N GLU B 62 9.98 23.76 17.45
CA GLU B 62 10.71 24.47 18.49
C GLU B 62 10.49 23.85 19.87
N ILE B 63 9.22 23.63 20.24
CA ILE B 63 8.86 23.17 21.58
C ILE B 63 9.40 21.77 21.82
N GLU B 64 9.33 20.91 20.82
CA GLU B 64 9.73 19.52 21.03
C GLU B 64 11.23 19.37 21.24
N ARG B 65 12.04 20.38 20.90
CA ARG B 65 13.47 20.24 21.15
C ARG B 65 13.80 20.16 22.63
N THR B 66 12.90 20.59 23.51
CA THR B 66 13.16 20.51 24.95
C THR B 66 13.31 19.07 25.41
N TYR B 67 12.43 18.17 24.94
CA TYR B 67 12.39 16.80 25.45
C TYR B 67 12.83 15.75 24.43
N ALA B 68 13.21 16.16 23.21
CA ALA B 68 13.58 15.20 22.17
C ALA B 68 14.75 14.30 22.60
N ALA B 69 15.76 14.89 23.24
CA ALA B 69 16.94 14.10 23.60
C ALA B 69 16.70 13.14 24.74
N SER B 70 15.51 13.15 25.35
CA SER B 70 15.14 12.20 26.39
C SER B 70 14.30 11.05 25.85
N GLY B 71 14.00 11.03 24.56
CA GLY B 71 13.20 9.94 24.03
C GLY B 71 11.70 10.10 24.19
N LEU B 72 11.23 11.28 24.61
CA LEU B 72 9.81 11.54 24.83
C LEU B 72 9.20 12.12 23.56
N ASN B 73 7.95 11.77 23.29
CA ASN B 73 7.19 12.46 22.28
C ASN B 73 6.20 13.42 22.96
N ALA B 74 5.48 14.19 22.16
CA ALA B 74 4.56 15.18 22.72
C ALA B 74 3.58 14.53 23.69
N ALA B 75 3.04 13.37 23.31
CA ALA B 75 2.10 12.64 24.17
C ALA B 75 2.73 12.28 25.52
N GLY B 76 3.97 11.79 25.50
CA GLY B 76 4.63 11.41 26.73
C GLY B 76 4.92 12.59 27.65
N TRP B 77 5.42 13.69 27.06
CA TRP B 77 5.68 14.91 27.83
C TRP B 77 4.40 15.46 28.45
N ASP B 78 3.29 15.45 27.70
CA ASP B 78 2.00 15.89 28.24
C ASP B 78 1.61 15.10 29.48
N LEU B 79 1.73 13.77 29.41
CA LEU B 79 1.35 12.94 30.55
C LEU B 79 2.20 13.24 31.78
N LEU B 80 3.52 13.30 31.60
CA LEU B 80 4.44 13.57 32.72
C LEU B 80 4.15 14.92 33.34
N LEU B 81 3.97 15.95 32.50
CA LEU B 81 3.67 17.28 33.03
C LEU B 81 2.34 17.26 33.77
N THR B 82 1.35 16.56 33.24
CA THR B 82 0.05 16.49 33.88
C THR B 82 0.17 15.91 35.29
N LEU B 83 0.91 14.81 35.44
CA LEU B 83 1.13 14.26 36.78
C LEU B 83 1.84 15.26 37.66
N TYR B 84 2.86 15.91 37.10
CA TYR B 84 3.70 16.85 37.85
C TYR B 84 2.87 17.96 38.46
N ARG B 85 1.98 18.57 37.66
CA ARG B 85 1.22 19.74 38.10
C ARG B 85 -0.15 19.41 38.67
N SER B 86 -0.72 18.24 38.35
CA SER B 86 -2.10 17.98 38.70
C SER B 86 -2.34 16.75 39.57
N ALA B 87 -1.36 15.87 39.73
CA ALA B 87 -1.69 14.68 40.52
C ALA B 87 -1.56 14.95 42.02
N PRO B 88 -2.51 14.46 42.82
CA PRO B 88 -2.32 14.45 44.27
C PRO B 88 -1.29 13.40 44.65
N PRO B 89 -0.83 13.38 45.91
CA PRO B 89 0.18 12.39 46.30
C PRO B 89 -0.17 10.94 45.96
N GLU B 90 -1.46 10.57 46.05
CA GLU B 90 -1.83 9.20 45.72
C GLU B 90 -1.77 8.92 44.22
N GLY B 91 -1.61 9.94 43.36
CA GLY B 91 -1.58 9.75 41.92
C GLY B 91 -2.96 9.96 41.29
N LEU B 92 -3.05 9.71 39.98
CA LEU B 92 -4.29 9.88 39.24
C LEU B 92 -4.69 8.58 38.56
N ARG B 93 -5.96 8.19 38.70
CA ARG B 93 -6.47 7.05 37.97
C ARG B 93 -6.65 7.44 36.49
N PRO B 94 -6.73 6.46 35.59
CA PRO B 94 -6.64 6.80 34.15
C PRO B 94 -7.69 7.80 33.66
N THR B 95 -8.96 7.65 34.04
CA THR B 95 -10.00 8.57 33.59
C THR B 95 -9.67 10.01 33.97
N GLU B 96 -9.28 10.23 35.22
CA GLU B 96 -8.93 11.57 35.69
C GLU B 96 -7.67 12.07 35.01
N LEU B 97 -6.68 11.18 34.83
CA LEU B 97 -5.44 11.58 34.18
C LEU B 97 -5.71 12.06 32.76
N SER B 98 -6.51 11.29 32.02
CA SER B 98 -6.82 11.68 30.64
C SER B 98 -7.54 13.02 30.59
N ALA B 99 -8.44 13.28 31.56
CA ALA B 99 -9.18 14.53 31.53
C ALA B 99 -8.31 15.72 31.90
N LEU B 100 -7.25 15.52 32.66
CA LEU B 100 -6.41 16.63 33.07
C LEU B 100 -5.26 16.86 32.11
N ALA B 101 -5.04 15.94 31.18
CA ALA B 101 -3.97 16.07 30.20
C ALA B 101 -4.39 17.05 29.11
N ALA B 102 -3.40 17.70 28.49
CA ALA B 102 -3.69 18.71 27.46
C ALA B 102 -3.91 18.12 26.07
N ILE B 103 -3.42 16.92 25.78
CA ILE B 103 -3.59 16.27 24.49
C ILE B 103 -4.58 15.12 24.68
N SER B 104 -5.57 15.04 23.82
CA SER B 104 -6.50 13.92 23.74
C SER B 104 -6.62 13.52 22.29
N GLY B 105 -6.85 12.22 22.04
CA GLY B 105 -7.01 11.75 20.68
C GLY B 105 -6.12 10.57 20.33
N PRO B 106 -6.07 10.22 19.03
CA PRO B 106 -5.35 9.01 18.60
C PRO B 106 -3.87 9.01 18.91
N SER B 107 -3.22 10.17 18.98
CA SER B 107 -1.79 10.21 19.28
C SER B 107 -1.49 9.78 20.72
N THR B 108 -2.49 9.73 21.57
CA THR B 108 -2.31 9.31 22.96
C THR B 108 -2.37 7.81 23.14
N SER B 109 -2.56 7.05 22.06
CA SER B 109 -2.65 5.61 22.16
C SER B 109 -1.38 5.05 22.79
N ASN B 110 -1.55 4.27 23.86
CA ASN B 110 -0.49 3.50 24.50
C ASN B 110 0.57 4.38 25.19
N ARG B 111 0.30 5.67 25.41
CA ARG B 111 1.34 6.49 26.04
C ARG B 111 1.59 6.07 27.49
N ILE B 112 0.57 5.57 28.20
CA ILE B 112 0.80 5.07 29.55
C ILE B 112 1.73 3.86 29.52
N VAL B 113 1.43 2.88 28.66
CA VAL B 113 2.30 1.71 28.51
C VAL B 113 3.72 2.14 28.20
N ARG B 114 3.89 3.02 27.22
CA ARG B 114 5.22 3.44 26.80
C ARG B 114 5.99 4.10 27.95
N LEU B 115 5.32 4.93 28.75
CA LEU B 115 5.99 5.59 29.87
C LEU B 115 6.24 4.64 31.04
N LEU B 116 5.39 3.63 31.20
CA LEU B 116 5.66 2.59 32.20
C LEU B 116 6.93 1.81 31.84
N GLU B 117 7.02 1.36 30.58
CA GLU B 117 8.22 0.66 30.12
C GLU B 117 9.47 1.50 30.29
N LYS B 118 9.36 2.83 30.16
CA LYS B 118 10.51 3.70 30.35
C LYS B 118 10.86 3.88 31.82
N GLY B 119 9.98 3.46 32.74
CA GLY B 119 10.23 3.65 34.15
C GLY B 119 9.99 5.05 34.67
N LEU B 120 9.22 5.87 33.94
CA LEU B 120 8.99 7.24 34.36
C LEU B 120 7.71 7.41 35.16
N ILE B 121 6.77 6.46 35.06
CA ILE B 121 5.56 6.45 35.87
C ILE B 121 5.40 5.06 36.48
N GLU B 122 4.56 4.97 37.51
CA GLU B 122 4.36 3.72 38.24
C GLU B 122 2.90 3.59 38.66
N ARG B 123 2.52 2.37 39.05
CA ARG B 123 1.20 2.04 39.56
C ARG B 123 1.27 0.63 40.12
N ARG B 124 0.41 0.32 41.08
CA ARG B 124 0.43 -1.02 41.67
C ARG B 124 -0.40 -1.95 40.79
N GLU B 125 0.30 -2.77 39.99
CA GLU B 125 -0.34 -3.72 39.10
C GLU B 125 -0.77 -5.00 39.81
N ASP B 126 -0.41 -5.15 41.08
CA ASP B 126 -0.71 -6.36 41.85
C ASP B 126 -1.92 -6.12 42.77
N GLU B 127 -3.04 -5.76 42.14
CA GLU B 127 -4.27 -5.49 42.86
C GLU B 127 -5.44 -5.57 41.89
N ARG B 128 -6.62 -5.83 42.43
CA ARG B 128 -7.85 -5.81 41.64
C ARG B 128 -8.16 -4.39 41.19
N ASP B 129 -8.98 -4.28 40.15
CA ASP B 129 -9.20 -3.02 39.43
C ASP B 129 -7.87 -2.49 38.90
N ARG B 130 -7.00 -3.40 38.43
CA ARG B 130 -5.67 -3.03 37.98
C ARG B 130 -5.71 -2.04 36.82
N ARG B 131 -6.74 -2.12 35.97
CA ARG B 131 -6.84 -1.19 34.85
C ARG B 131 -7.19 0.22 35.30
N SER B 132 -7.82 0.38 36.46
CA SER B 132 -8.12 1.70 37.00
C SER B 132 -7.13 2.15 38.05
N ALA B 133 -6.08 1.38 38.31
CA ALA B 133 -5.11 1.73 39.35
C ALA B 133 -4.53 3.11 39.12
N SER B 134 -4.28 3.83 40.21
CA SER B 134 -3.75 5.19 40.09
C SER B 134 -2.28 5.19 39.69
N ILE B 135 -1.89 6.24 38.97
CA ILE B 135 -0.57 6.40 38.37
C ILE B 135 0.14 7.58 39.02
N ARG B 136 1.45 7.42 39.25
CA ARG B 136 2.29 8.44 39.86
C ARG B 136 3.58 8.56 39.08
N LEU B 137 4.22 9.73 39.17
CA LEU B 137 5.58 9.87 38.72
C LEU B 137 6.52 9.07 39.63
N THR B 138 7.46 8.35 39.03
CA THR B 138 8.53 7.75 39.79
C THR B 138 9.53 8.85 40.16
N PRO B 139 10.46 8.57 41.08
CA PRO B 139 11.52 9.55 41.36
C PRO B 139 12.27 9.98 40.12
N GLN B 140 12.51 9.06 39.18
CA GLN B 140 13.17 9.38 37.92
C GLN B 140 12.29 10.29 37.06
N GLY B 141 11.01 9.95 36.91
CA GLY B 141 10.11 10.80 36.16
C GLY B 141 10.05 12.20 36.71
N ARG B 142 9.87 12.33 38.02
CA ARG B 142 9.84 13.65 38.63
C ARG B 142 11.16 14.39 38.39
N ALA B 143 12.29 13.67 38.50
CA ALA B 143 13.58 14.30 38.27
C ALA B 143 13.73 14.75 36.81
N LEU B 144 13.24 13.93 35.87
CA LEU B 144 13.29 14.33 34.45
C LEU B 144 12.46 15.58 34.18
N VAL B 145 11.22 15.62 34.69
CA VAL B 145 10.39 16.81 34.48
C VAL B 145 11.07 18.02 35.08
N THR B 146 11.59 17.88 36.30
CA THR B 146 12.29 18.98 36.97
C THR B 146 13.49 19.44 36.15
N HIS B 147 14.22 18.49 35.56
CA HIS B 147 15.40 18.81 34.76
C HIS B 147 15.03 19.59 33.51
N LEU B 148 13.97 19.17 32.82
CA LEU B 148 13.60 19.72 31.51
C LEU B 148 12.75 20.97 31.58
N LEU B 149 11.99 21.13 32.67
CA LEU B 149 11.03 22.22 32.74
C LEU B 149 11.61 23.61 32.53
N PRO B 150 12.78 23.99 33.08
CA PRO B 150 13.32 25.32 32.80
C PRO B 150 13.43 25.64 31.31
N ALA B 151 13.90 24.68 30.50
CA ALA B 151 14.01 24.95 29.07
C ALA B 151 12.63 25.06 28.42
N HIS B 152 11.67 24.27 28.91
CA HIS B 152 10.30 24.39 28.39
C HIS B 152 9.72 25.76 28.68
N LEU B 153 9.88 26.25 29.92
CA LEU B 153 9.37 27.57 30.27
C LEU B 153 10.08 28.66 29.46
N ALA B 154 11.39 28.56 29.32
CA ALA B 154 12.12 29.54 28.52
C ALA B 154 11.63 29.52 27.08
N THR B 155 11.46 28.33 26.51
CA THR B 155 11.06 28.20 25.11
C THR B 155 9.64 28.67 24.86
N THR B 156 8.69 28.27 25.71
CA THR B 156 7.32 28.72 25.51
C THR B 156 7.23 30.23 25.63
N GLN B 157 8.01 30.83 26.52
CA GLN B 157 8.07 32.28 26.60
C GLN B 157 8.70 32.88 25.36
N ARG B 158 9.77 32.25 24.85
CA ARG B 158 10.51 32.80 23.71
C ARG B 158 9.64 32.89 22.46
N VAL B 159 8.88 31.83 22.14
CA VAL B 159 8.11 31.81 20.91
C VAL B 159 6.97 32.82 20.91
N LEU B 160 6.55 33.31 22.08
CA LEU B 160 5.53 34.35 22.20
C LEU B 160 6.11 35.77 22.31
N ALA B 161 7.42 35.90 22.54
CA ALA B 161 8.08 37.18 22.78
C ALA B 161 7.86 38.24 21.70
N PRO B 162 7.66 37.89 20.42
CA PRO B 162 7.31 38.93 19.43
C PRO B 162 6.05 39.72 19.80
N LEU B 163 5.18 39.20 20.65
CA LEU B 163 3.93 39.82 21.02
C LEU B 163 4.01 40.46 22.40
N SER B 164 3.43 41.65 22.55
CA SER B 164 3.30 42.31 23.83
C SER B 164 2.28 41.56 24.70
N ALA B 165 2.24 41.94 25.98
CA ALA B 165 1.26 41.35 26.91
C ALA B 165 -0.16 41.47 26.38
N GLN B 166 -0.53 42.66 25.94
CA GLN B 166 -1.86 42.92 25.39
C GLN B 166 -2.13 42.07 24.15
N GLU B 167 -1.13 41.98 23.27
CA GLU B 167 -1.28 41.19 22.04
C GLU B 167 -1.41 39.70 22.32
N GLN B 168 -0.67 39.19 23.31
CA GLN B 168 -0.85 37.80 23.70
C GLN B 168 -2.25 37.56 24.26
N ARG B 169 -2.75 38.50 25.07
CA ARG B 169 -4.12 38.39 25.57
C ARG B 169 -5.13 38.40 24.42
N THR B 170 -4.98 39.35 23.49
CA THR B 170 -5.87 39.40 22.32
C THR B 170 -5.82 38.10 21.54
N LEU B 171 -4.63 37.56 21.32
CA LEU B 171 -4.50 36.29 20.60
C LEU B 171 -5.26 35.17 21.30
N GLU B 172 -5.12 35.06 22.63
CA GLU B 172 -5.82 33.99 23.35
C GLU B 172 -7.32 34.14 23.22
N GLU B 173 -7.81 35.37 23.34
CA GLU B 173 -9.25 35.61 23.23
C GLU B 173 -9.78 35.19 21.87
N LEU B 174 -9.10 35.61 20.80
CA LEU B 174 -9.54 35.25 19.45
C LEU B 174 -9.49 33.75 19.24
N ALA B 175 -8.34 33.13 19.56
CA ALA B 175 -8.22 31.69 19.43
C ALA B 175 -9.23 30.97 20.31
N GLY B 176 -9.48 31.49 21.52
CA GLY B 176 -10.47 30.88 22.42
C GLY B 176 -11.88 30.92 21.86
N ARG B 177 -12.25 32.00 21.18
CA ARG B 177 -13.59 32.07 20.60
C ARG B 177 -13.75 31.10 19.43
N MET B 178 -12.73 30.94 18.61
CA MET B 178 -12.78 29.93 17.56
C MET B 178 -12.99 28.55 18.16
N LEU B 179 -12.16 28.20 19.14
CA LEU B 179 -12.26 26.88 19.74
C LEU B 179 -13.60 26.69 20.44
N ALA B 180 -14.10 27.71 21.13
CA ALA B 180 -15.42 27.59 21.75
C ALA B 180 -16.49 27.29 20.70
N GLY B 181 -16.38 27.91 19.53
CA GLY B 181 -17.34 27.63 18.46
C GLY B 181 -17.30 26.18 18.01
N LEU B 182 -16.12 25.58 18.01
CA LEU B 182 -15.97 24.18 17.61
C LEU B 182 -16.40 23.22 18.69
N GLU B 183 -16.36 23.64 19.95
CA GLU B 183 -16.70 22.76 21.04
C GLU B 183 -18.14 22.93 21.49
N GLN B 184 -18.82 23.98 21.05
CA GLN B 184 -20.21 24.22 21.43
C GLN B 184 -21.14 23.46 20.49
N ASN C 12 22.71 -23.64 -9.24
CA ASN C 12 21.81 -22.50 -9.12
C ASN C 12 20.55 -22.60 -10.00
N ASP C 13 20.27 -23.78 -10.57
CA ASP C 13 19.08 -24.02 -11.37
C ASP C 13 17.94 -24.56 -10.51
N THR C 14 16.80 -24.86 -11.14
CA THR C 14 15.65 -25.33 -10.36
C THR C 14 15.92 -26.71 -9.75
N ALA C 15 16.63 -27.58 -10.48
CA ALA C 15 16.97 -28.89 -9.93
C ALA C 15 17.74 -28.73 -8.61
N ALA C 16 18.69 -27.79 -8.57
CA ALA C 16 19.45 -27.55 -7.34
C ALA C 16 18.55 -27.02 -6.23
N LEU C 17 17.67 -26.07 -6.57
CA LEU C 17 16.76 -25.47 -5.59
C LEU C 17 15.78 -26.50 -5.03
N LEU C 18 15.22 -27.36 -5.90
CA LEU C 18 14.28 -28.37 -5.41
C LEU C 18 14.95 -29.36 -4.48
N GLU C 19 16.22 -29.69 -4.71
CA GLU C 19 16.92 -30.56 -3.77
C GLU C 19 17.12 -29.89 -2.42
N ARG C 20 17.40 -28.58 -2.43
CA ARG C 20 17.53 -27.83 -1.19
C ARG C 20 16.20 -27.81 -0.43
N ILE C 21 15.12 -27.46 -1.12
CA ILE C 21 13.81 -27.42 -0.47
C ILE C 21 13.45 -28.80 0.08
N ARG C 22 13.68 -29.85 -0.72
CA ARG C 22 13.46 -31.21 -0.27
C ARG C 22 14.23 -31.51 1.01
N SER C 23 15.52 -31.14 1.03
CA SER C 23 16.37 -31.33 2.19
C SER C 23 15.85 -30.55 3.40
N ASP C 24 15.44 -29.30 3.17
CA ASP C 24 14.97 -28.47 4.27
C ASP C 24 13.71 -29.06 4.91
N TRP C 25 12.74 -29.47 4.07
CA TRP C 25 11.53 -30.09 4.61
C TRP C 25 11.86 -31.35 5.41
N ALA C 26 12.74 -32.20 4.87
CA ALA C 26 13.12 -33.42 5.58
C ALA C 26 13.71 -33.11 6.94
N ARG C 27 14.52 -32.04 7.04
CA ARG C 27 15.08 -31.64 8.32
C ARG C 27 13.99 -31.18 9.29
N LEU C 28 13.01 -30.43 8.78
CA LEU C 28 11.90 -30.01 9.64
C LEU C 28 11.04 -31.19 10.07
N ASN C 29 10.73 -32.08 9.13
CA ASN C 29 9.78 -33.18 9.36
C ASN C 29 10.39 -34.36 10.11
N HIS C 30 11.71 -34.45 10.21
CA HIS C 30 12.37 -35.59 10.84
C HIS C 30 11.91 -35.83 12.26
N PRO C 41 4.62 -36.70 7.80
CA PRO C 41 4.39 -35.78 6.67
C PRO C 41 5.43 -35.94 5.58
N SER C 42 5.01 -35.86 4.33
CA SER C 42 5.91 -35.92 3.19
C SER C 42 5.80 -34.66 2.36
N ALA C 43 6.94 -34.16 1.88
CA ALA C 43 6.99 -33.03 0.99
C ALA C 43 6.98 -33.43 -0.49
N GLY C 44 6.86 -34.73 -0.79
CA GLY C 44 6.88 -35.24 -2.15
C GLY C 44 5.96 -34.52 -3.11
N PRO C 45 4.65 -34.52 -2.81
CA PRO C 45 3.70 -33.81 -3.67
C PRO C 45 3.99 -32.33 -3.82
N MET C 46 4.32 -31.63 -2.72
CA MET C 46 4.71 -30.22 -2.81
C MET C 46 5.83 -30.02 -3.84
N LEU C 47 6.83 -30.88 -3.80
CA LEU C 47 8.00 -30.74 -4.69
C LEU C 47 7.64 -31.04 -6.14
N THR C 48 6.80 -32.05 -6.37
CA THR C 48 6.31 -32.30 -7.73
C THR C 48 5.60 -31.07 -8.29
N LEU C 49 4.70 -30.47 -7.51
CA LEU C 49 3.96 -29.31 -8.01
C LEU C 49 4.84 -28.07 -8.13
N LEU C 50 5.85 -27.94 -7.27
CA LEU C 50 6.80 -26.85 -7.44
C LEU C 50 7.55 -26.95 -8.76
N LEU C 51 7.96 -28.16 -9.13
CA LEU C 51 8.62 -28.36 -10.41
C LEU C 51 7.70 -27.94 -11.56
N LEU C 52 6.44 -28.37 -11.50
CA LEU C 52 5.50 -28.01 -12.57
C LEU C 52 5.26 -26.50 -12.60
N GLU C 53 5.22 -25.86 -11.43
CA GLU C 53 5.07 -24.40 -11.38
C GLU C 53 6.28 -23.68 -11.98
N ARG C 54 7.49 -24.13 -11.62
CA ARG C 54 8.69 -23.50 -12.18
C ARG C 54 8.75 -23.67 -13.69
N LEU C 55 8.35 -24.85 -14.17
CA LEU C 55 8.32 -25.11 -15.61
C LEU C 55 7.32 -24.20 -16.30
N HIS C 56 6.13 -24.06 -15.70
CA HIS C 56 5.13 -23.16 -16.28
C HIS C 56 5.68 -21.74 -16.38
N ALA C 57 6.35 -21.26 -15.34
CA ALA C 57 6.90 -19.91 -15.39
C ALA C 57 7.95 -19.79 -16.49
N ALA C 58 8.85 -20.77 -16.56
CA ALA C 58 9.93 -20.75 -17.56
C ALA C 58 9.38 -20.83 -18.98
N LEU C 59 8.39 -21.70 -19.21
CA LEU C 59 7.75 -21.79 -20.52
C LEU C 59 7.16 -20.45 -20.93
N GLY C 60 6.45 -19.81 -20.00
CA GLY C 60 5.84 -18.51 -20.28
C GLY C 60 6.83 -17.45 -20.70
N ARG C 61 7.98 -17.39 -20.03
CA ARG C 61 9.02 -16.41 -20.39
C ARG C 61 9.54 -16.63 -21.80
N GLU C 62 9.60 -17.88 -22.23
CA GLU C 62 10.07 -18.20 -23.58
C GLU C 62 8.96 -17.95 -24.61
N ILE C 63 7.77 -18.44 -24.34
CA ILE C 63 6.68 -18.40 -25.31
C ILE C 63 6.26 -16.97 -25.59
N GLU C 64 6.20 -16.12 -24.55
CA GLU C 64 5.69 -14.78 -24.74
C GLU C 64 6.62 -13.89 -25.58
N ARG C 65 7.85 -14.32 -25.81
CA ARG C 65 8.75 -13.54 -26.64
C ARG C 65 8.30 -13.48 -28.09
N THR C 66 7.45 -14.39 -28.54
CA THR C 66 6.95 -14.33 -29.90
C THR C 66 6.10 -13.07 -30.13
N TYR C 67 5.21 -12.76 -29.18
CA TYR C 67 4.24 -11.68 -29.38
C TYR C 67 4.46 -10.47 -28.47
N ALA C 68 5.47 -10.50 -27.59
CA ALA C 68 5.69 -9.39 -26.67
C ALA C 68 5.92 -8.07 -27.38
N ALA C 69 6.75 -8.09 -28.43
CA ALA C 69 7.12 -6.85 -29.11
C ALA C 69 6.01 -6.30 -29.96
N SER C 70 4.88 -6.98 -30.04
CA SER C 70 3.70 -6.49 -30.72
C SER C 70 2.68 -5.90 -29.76
N GLY C 71 2.99 -5.86 -28.46
CA GLY C 71 2.08 -5.32 -27.48
C GLY C 71 1.01 -6.27 -27.01
N LEU C 72 1.08 -7.54 -27.37
CA LEU C 72 0.08 -8.53 -26.98
C LEU C 72 0.50 -9.20 -25.68
N ASN C 73 -0.48 -9.55 -24.86
CA ASN C 73 -0.25 -10.47 -23.75
C ASN C 73 -0.82 -11.85 -24.09
N ALA C 74 -0.62 -12.80 -23.18
CA ALA C 74 -1.07 -14.18 -23.40
C ALA C 74 -2.57 -14.23 -23.72
N ALA C 75 -3.38 -13.45 -22.99
CA ALA C 75 -4.82 -13.40 -23.22
C ALA C 75 -5.14 -12.96 -24.64
N GLY C 76 -4.45 -11.91 -25.12
CA GLY C 76 -4.69 -11.41 -26.46
C GLY C 76 -4.25 -12.37 -27.55
N TRP C 77 -3.06 -12.95 -27.40
CA TRP C 77 -2.58 -13.93 -28.37
C TRP C 77 -3.54 -15.13 -28.47
N ASP C 78 -4.02 -15.61 -27.32
CA ASP C 78 -4.99 -16.70 -27.29
C ASP C 78 -6.23 -16.37 -28.10
N LEU C 79 -6.81 -15.19 -27.87
CA LEU C 79 -8.01 -14.83 -28.63
C LEU C 79 -7.72 -14.78 -30.13
N LEU C 80 -6.63 -14.11 -30.52
CA LEU C 80 -6.30 -13.99 -31.94
C LEU C 80 -6.11 -15.37 -32.57
N LEU C 81 -5.35 -16.24 -31.90
CA LEU C 81 -5.14 -17.58 -32.44
C LEU C 81 -6.45 -18.34 -32.51
N THR C 82 -7.32 -18.17 -31.50
CA THR C 82 -8.61 -18.85 -31.53
C THR C 82 -9.41 -18.46 -32.76
N LEU C 83 -9.49 -17.17 -33.04
CA LEU C 83 -10.17 -16.70 -34.26
C LEU C 83 -9.50 -17.28 -35.50
N TYR C 84 -8.18 -17.27 -35.51
CA TYR C 84 -7.42 -17.70 -36.68
C TYR C 84 -7.76 -19.14 -37.06
N ARG C 85 -7.75 -20.04 -36.08
CA ARG C 85 -7.91 -21.46 -36.35
C ARG C 85 -9.34 -21.96 -36.23
N SER C 86 -10.22 -21.25 -35.52
CA SER C 86 -11.55 -21.79 -35.24
C SER C 86 -12.71 -20.93 -35.72
N ALA C 87 -12.48 -19.69 -36.13
CA ALA C 87 -13.69 -18.94 -36.52
C ALA C 87 -14.08 -19.25 -37.97
N PRO C 88 -15.37 -19.45 -38.25
CA PRO C 88 -15.83 -19.54 -39.64
C PRO C 88 -15.78 -18.15 -40.28
N PRO C 89 -15.98 -18.06 -41.60
CA PRO C 89 -15.91 -16.73 -42.25
C PRO C 89 -16.77 -15.66 -41.59
N GLU C 90 -17.95 -16.04 -41.10
CA GLU C 90 -18.84 -15.10 -40.43
C GLU C 90 -18.36 -14.67 -39.05
N GLY C 91 -17.33 -15.34 -38.49
CA GLY C 91 -16.83 -14.96 -37.16
C GLY C 91 -17.46 -15.77 -36.04
N LEU C 92 -17.12 -15.40 -34.81
CA LEU C 92 -17.63 -16.07 -33.63
C LEU C 92 -18.33 -15.08 -32.69
N ARG C 93 -19.53 -15.45 -32.24
CA ARG C 93 -20.18 -14.71 -31.18
C ARG C 93 -19.45 -14.95 -29.87
N PRO C 94 -19.66 -14.08 -28.86
CA PRO C 94 -18.79 -14.15 -27.66
C PRO C 94 -18.86 -15.47 -26.90
N THR C 95 -20.05 -16.04 -26.70
CA THR C 95 -20.12 -17.32 -25.98
C THR C 95 -19.27 -18.39 -26.67
N GLU C 96 -19.42 -18.53 -27.98
CA GLU C 96 -18.66 -19.55 -28.72
C GLU C 96 -17.17 -19.23 -28.69
N LEU C 97 -16.81 -17.96 -28.84
CA LEU C 97 -15.40 -17.57 -28.82
C LEU C 97 -14.74 -17.93 -27.49
N SER C 98 -15.41 -17.61 -26.37
CA SER C 98 -14.87 -17.95 -25.06
C SER C 98 -14.70 -19.45 -24.90
N ALA C 99 -15.64 -20.24 -25.44
CA ALA C 99 -15.55 -21.69 -25.29
C ALA C 99 -14.44 -22.30 -26.15
N LEU C 100 -14.05 -21.63 -27.24
CA LEU C 100 -13.02 -22.17 -28.11
C LEU C 100 -11.62 -21.63 -27.78
N ALA C 101 -11.52 -20.63 -26.92
CA ALA C 101 -10.22 -20.10 -26.51
C ALA C 101 -9.55 -21.04 -25.51
N ALA C 102 -8.23 -21.01 -25.48
CA ALA C 102 -7.48 -21.89 -24.57
C ALA C 102 -7.37 -21.34 -23.17
N ILE C 103 -7.52 -20.03 -22.99
CA ILE C 103 -7.38 -19.39 -21.69
C ILE C 103 -8.76 -18.97 -21.21
N SER C 104 -9.05 -19.28 -19.96
CA SER C 104 -10.23 -18.84 -19.24
C SER C 104 -9.79 -18.33 -17.88
N GLY C 105 -10.56 -17.39 -17.34
CA GLY C 105 -10.28 -16.90 -16.01
C GLY C 105 -10.18 -15.39 -15.93
N PRO C 106 -9.76 -14.88 -14.76
CA PRO C 106 -9.73 -13.43 -14.58
C PRO C 106 -8.80 -12.73 -15.56
N SER C 107 -7.76 -13.42 -16.04
CA SER C 107 -6.81 -12.80 -16.98
C SER C 107 -7.43 -12.50 -18.33
N THR C 108 -8.60 -13.05 -18.66
CA THR C 108 -9.24 -12.76 -19.93
C THR C 108 -10.14 -11.54 -19.86
N SER C 109 -10.25 -10.90 -18.70
CA SER C 109 -11.10 -9.73 -18.56
C SER C 109 -10.66 -8.63 -19.52
N ASN C 110 -11.61 -8.12 -20.30
CA ASN C 110 -11.44 -6.99 -21.20
C ASN C 110 -10.52 -7.26 -22.38
N ARG C 111 -10.19 -8.54 -22.66
CA ARG C 111 -9.30 -8.78 -23.80
C ARG C 111 -9.98 -8.47 -25.13
N ILE C 112 -11.29 -8.65 -25.22
CA ILE C 112 -12.00 -8.26 -26.44
C ILE C 112 -11.89 -6.75 -26.66
N VAL C 113 -12.17 -5.98 -25.60
CA VAL C 113 -12.03 -4.53 -25.67
C VAL C 113 -10.61 -4.14 -26.10
N ARG C 114 -9.60 -4.71 -25.44
CA ARG C 114 -8.21 -4.34 -25.74
C ARG C 114 -7.84 -4.63 -27.19
N LEU C 115 -8.28 -5.77 -27.73
CA LEU C 115 -7.96 -6.13 -29.12
C LEU C 115 -8.79 -5.32 -30.11
N LEU C 116 -10.01 -4.95 -29.74
CA LEU C 116 -10.80 -4.03 -30.55
C LEU C 116 -10.12 -2.67 -30.60
N GLU C 117 -9.69 -2.15 -29.44
CA GLU C 117 -8.97 -0.88 -29.41
C GLU C 117 -7.71 -0.91 -30.28
N LYS C 118 -7.06 -2.07 -30.36
CA LYS C 118 -5.86 -2.25 -31.18
C LYS C 118 -6.17 -2.41 -32.66
N GLY C 119 -7.43 -2.57 -33.04
CA GLY C 119 -7.79 -2.77 -34.43
C GLY C 119 -7.49 -4.16 -34.95
N LEU C 120 -7.29 -5.13 -34.05
CA LEU C 120 -6.94 -6.47 -34.50
C LEU C 120 -8.16 -7.36 -34.67
N ILE C 121 -9.27 -7.02 -34.03
CA ILE C 121 -10.54 -7.71 -34.21
C ILE C 121 -11.62 -6.66 -34.43
N GLU C 122 -12.76 -7.12 -34.96
CA GLU C 122 -13.91 -6.29 -35.29
C GLU C 122 -15.18 -7.10 -35.07
N ARG C 123 -16.33 -6.41 -35.10
CA ARG C 123 -17.62 -7.07 -34.95
C ARG C 123 -18.43 -7.06 -36.24
N SER C 132 -23.27 -9.38 -28.26
CA SER C 132 -23.56 -10.70 -28.81
C SER C 132 -23.14 -10.84 -30.29
N ALA C 133 -22.89 -9.70 -30.94
CA ALA C 133 -22.42 -9.68 -32.33
C ALA C 133 -21.19 -10.56 -32.50
N SER C 134 -21.07 -11.15 -33.69
CA SER C 134 -19.93 -12.01 -33.98
C SER C 134 -18.65 -11.21 -34.18
N ILE C 135 -17.53 -11.82 -33.81
CA ILE C 135 -16.22 -11.20 -33.82
C ILE C 135 -15.35 -11.91 -34.85
N ARG C 136 -14.55 -11.13 -35.58
CA ARG C 136 -13.66 -11.63 -36.61
C ARG C 136 -12.33 -10.90 -36.52
N LEU C 137 -11.30 -11.54 -37.06
CA LEU C 137 -10.02 -10.87 -37.24
C LEU C 137 -10.16 -9.77 -38.31
N THR C 138 -9.56 -8.61 -38.05
CA THR C 138 -9.40 -7.62 -39.11
C THR C 138 -8.25 -8.06 -40.00
N PRO C 139 -8.08 -7.43 -41.18
CA PRO C 139 -6.89 -7.73 -41.98
C PRO C 139 -5.60 -7.54 -41.21
N GLN C 140 -5.53 -6.49 -40.39
CA GLN C 140 -4.34 -6.26 -39.57
C GLN C 140 -4.16 -7.38 -38.54
N GLY C 141 -5.22 -7.76 -37.85
CA GLY C 141 -5.11 -8.88 -36.92
C GLY C 141 -4.64 -10.15 -37.60
N ARG C 142 -5.28 -10.50 -38.72
CA ARG C 142 -4.90 -11.70 -39.46
C ARG C 142 -3.45 -11.61 -39.96
N ALA C 143 -3.04 -10.42 -40.43
CA ALA C 143 -1.67 -10.27 -40.88
C ALA C 143 -0.69 -10.48 -39.73
N LEU C 144 -1.03 -9.99 -38.54
CA LEU C 144 -0.15 -10.15 -37.39
C LEU C 144 0.02 -11.63 -37.04
N VAL C 145 -1.08 -12.37 -36.98
CA VAL C 145 -1.00 -13.80 -36.66
C VAL C 145 -0.16 -14.54 -37.69
N THR C 146 -0.40 -14.27 -38.97
CA THR C 146 0.38 -14.93 -40.02
C THR C 146 1.86 -14.61 -39.88
N HIS C 147 2.17 -13.37 -39.53
CA HIS C 147 3.55 -12.92 -39.35
C HIS C 147 4.22 -13.61 -38.17
N LEU C 148 3.51 -13.72 -37.04
CA LEU C 148 4.08 -14.23 -35.79
C LEU C 148 4.05 -15.74 -35.67
N LEU C 149 3.11 -16.42 -36.33
CA LEU C 149 2.95 -17.86 -36.14
C LEU C 149 4.21 -18.67 -36.40
N PRO C 150 5.01 -18.42 -37.46
CA PRO C 150 6.26 -19.19 -37.62
C PRO C 150 7.14 -19.20 -36.38
N ALA C 151 7.29 -18.05 -35.71
CA ALA C 151 8.13 -18.05 -34.51
C ALA C 151 7.46 -18.85 -33.40
N HIS C 152 6.14 -18.78 -33.30
CA HIS C 152 5.41 -19.55 -32.28
C HIS C 152 5.55 -21.05 -32.52
N LEU C 153 5.39 -21.50 -33.77
CA LEU C 153 5.54 -22.92 -34.07
C LEU C 153 6.97 -23.40 -33.77
N ALA C 154 7.99 -22.63 -34.17
CA ALA C 154 9.37 -23.04 -33.90
C ALA C 154 9.65 -23.12 -32.40
N THR C 155 9.19 -22.11 -31.65
CA THR C 155 9.45 -22.04 -30.21
C THR C 155 8.71 -23.14 -29.44
N THR C 156 7.44 -23.38 -29.76
CA THR C 156 6.74 -24.46 -29.07
C THR C 156 7.43 -25.79 -29.34
N GLN C 157 7.94 -25.97 -30.56
CA GLN C 157 8.71 -27.19 -30.84
C GLN C 157 10.03 -27.20 -30.07
N ARG C 158 10.71 -26.05 -29.98
CA ARG C 158 12.01 -25.99 -29.32
C ARG C 158 11.91 -26.36 -27.84
N VAL C 159 10.91 -25.82 -27.12
CA VAL C 159 10.88 -26.08 -25.69
C VAL C 159 10.56 -27.53 -25.37
N LEU C 160 9.96 -28.26 -26.30
CA LEU C 160 9.69 -29.68 -26.13
C LEU C 160 10.80 -30.58 -26.66
N ALA C 161 11.74 -30.01 -27.42
CA ALA C 161 12.78 -30.81 -28.07
C ALA C 161 13.62 -31.69 -27.15
N PRO C 162 13.88 -31.35 -25.87
CA PRO C 162 14.60 -32.31 -25.01
C PRO C 162 13.92 -33.67 -24.91
N LEU C 163 12.63 -33.75 -25.21
CA LEU C 163 11.89 -34.99 -25.08
C LEU C 163 11.72 -35.64 -26.44
N SER C 164 11.86 -36.96 -26.49
CA SER C 164 11.54 -37.73 -27.67
C SER C 164 10.04 -37.71 -27.92
N ALA C 165 9.64 -38.17 -29.12
CA ALA C 165 8.21 -38.29 -29.43
C ALA C 165 7.48 -39.15 -28.39
N GLN C 166 8.03 -40.31 -28.07
CA GLN C 166 7.38 -41.17 -27.09
C GLN C 166 7.27 -40.49 -25.72
N GLU C 167 8.33 -39.77 -25.31
CA GLU C 167 8.30 -39.04 -24.04
C GLU C 167 7.30 -37.90 -24.07
N GLN C 168 7.17 -37.21 -25.21
CA GLN C 168 6.10 -36.21 -25.32
C GLN C 168 4.73 -36.88 -25.24
N ARG C 169 4.58 -38.08 -25.78
CA ARG C 169 3.29 -38.76 -25.63
C ARG C 169 3.05 -39.16 -24.17
N THR C 170 4.09 -39.64 -23.49
CA THR C 170 3.98 -39.98 -22.08
C THR C 170 3.62 -38.76 -21.24
N LEU C 171 4.27 -37.63 -21.51
CA LEU C 171 3.98 -36.40 -20.79
C LEU C 171 2.50 -36.01 -20.94
N GLU C 172 1.98 -36.07 -22.17
CA GLU C 172 0.58 -35.73 -22.37
C GLU C 172 -0.33 -36.71 -21.64
N GLU C 173 0.04 -37.99 -21.60
CA GLU C 173 -0.80 -38.97 -20.91
C GLU C 173 -0.90 -38.64 -19.42
N LEU C 174 0.24 -38.41 -18.78
CA LEU C 174 0.29 -38.13 -17.35
C LEU C 174 -0.40 -36.81 -17.01
N ALA C 175 -0.05 -35.74 -17.73
CA ALA C 175 -0.69 -34.45 -17.50
C ALA C 175 -2.21 -34.51 -17.73
N GLY C 176 -2.64 -35.23 -18.77
CA GLY C 176 -4.06 -35.38 -19.04
C GLY C 176 -4.80 -36.10 -17.94
N ARG C 177 -4.19 -37.15 -17.36
CA ARG C 177 -4.85 -37.86 -16.28
C ARG C 177 -4.99 -37.01 -15.03
N MET C 178 -3.96 -36.21 -14.70
CA MET C 178 -4.09 -35.27 -13.58
C MET C 178 -5.22 -34.28 -13.83
N LEU C 179 -5.22 -33.66 -15.00
CA LEU C 179 -6.24 -32.67 -15.32
C LEU C 179 -7.64 -33.27 -15.34
N ALA C 180 -7.79 -34.46 -15.91
CA ALA C 180 -9.09 -35.13 -15.87
C ALA C 180 -9.56 -35.31 -14.43
N GLY C 181 -8.64 -35.64 -13.53
CA GLY C 181 -9.00 -35.79 -12.13
C GLY C 181 -9.51 -34.50 -11.51
N LEU C 182 -9.00 -33.36 -11.95
CA LEU C 182 -9.42 -32.07 -11.45
C LEU C 182 -10.72 -31.61 -12.08
N GLU C 183 -11.05 -32.13 -13.26
CA GLU C 183 -12.25 -31.71 -13.95
C GLU C 183 -13.43 -32.63 -13.73
N GLN C 184 -13.22 -33.79 -13.10
CA GLN C 184 -14.29 -34.73 -12.83
C GLN C 184 -14.97 -34.29 -11.54
N ASN D 12 -17.39 -30.85 -22.45
CA ASN D 12 -16.91 -29.50 -22.19
C ASN D 12 -15.64 -29.47 -21.31
N ASP D 13 -14.96 -30.61 -21.15
CA ASP D 13 -13.72 -30.61 -20.37
C ASP D 13 -12.52 -30.31 -21.27
N THR D 14 -11.33 -30.26 -20.69
CA THR D 14 -10.18 -29.86 -21.50
C THR D 14 -9.84 -30.88 -22.58
N ALA D 15 -9.97 -32.18 -22.27
CA ALA D 15 -9.71 -33.18 -23.30
C ALA D 15 -10.57 -32.92 -24.55
N ALA D 16 -11.85 -32.59 -24.35
CA ALA D 16 -12.72 -32.30 -25.48
C ALA D 16 -12.30 -31.03 -26.22
N LEU D 17 -11.93 -29.99 -25.48
CA LEU D 17 -11.50 -28.75 -26.13
C LEU D 17 -10.22 -28.98 -26.94
N LEU D 18 -9.25 -29.71 -26.38
CA LEU D 18 -8.00 -29.93 -27.08
C LEU D 18 -8.23 -30.74 -28.36
N GLU D 19 -9.19 -31.67 -28.32
CA GLU D 19 -9.50 -32.43 -29.53
C GLU D 19 -10.10 -31.53 -30.63
N ARG D 20 -10.95 -30.57 -30.24
CA ARG D 20 -11.48 -29.58 -31.19
C ARG D 20 -10.36 -28.71 -31.77
N ILE D 21 -9.51 -28.17 -30.91
CA ILE D 21 -8.41 -27.34 -31.37
C ILE D 21 -7.51 -28.12 -32.33
N ARG D 22 -7.13 -29.34 -31.92
CA ARG D 22 -6.39 -30.25 -32.78
C ARG D 22 -7.05 -30.39 -34.14
N SER D 23 -8.35 -30.67 -34.14
CA SER D 23 -9.10 -30.84 -35.38
C SER D 23 -9.07 -29.56 -36.22
N ASP D 24 -9.26 -28.41 -35.57
CA ASP D 24 -9.28 -27.14 -36.28
C ASP D 24 -7.93 -26.84 -36.95
N TRP D 25 -6.83 -27.03 -36.21
CA TRP D 25 -5.52 -26.84 -36.83
C TRP D 25 -5.30 -27.82 -37.98
N ALA D 26 -5.71 -29.08 -37.79
CA ALA D 26 -5.54 -30.07 -38.85
C ALA D 26 -6.27 -29.64 -40.11
N ARG D 27 -7.45 -29.02 -39.94
CA ARG D 27 -8.21 -28.51 -41.08
C ARG D 27 -7.45 -27.39 -41.78
N LEU D 28 -6.86 -26.48 -41.00
CA LEU D 28 -6.08 -25.41 -41.61
C LEU D 28 -4.85 -25.97 -42.29
N ASN D 29 -4.18 -26.92 -41.64
CA ASN D 29 -2.89 -27.43 -42.12
C ASN D 29 -3.04 -28.40 -43.29
N HIS D 30 -4.20 -29.05 -43.44
CA HIS D 30 -4.45 -29.87 -44.62
C HIS D 30 -4.98 -29.04 -45.78
N GLY D 31 -5.41 -27.80 -45.52
CA GLY D 31 -5.84 -26.90 -46.58
C GLY D 31 -4.79 -25.86 -46.93
N THR D 40 3.79 -31.56 -44.03
CA THR D 40 2.62 -30.88 -43.52
C THR D 40 2.86 -30.31 -42.12
N PRO D 41 2.68 -29.00 -41.95
CA PRO D 41 2.82 -28.40 -40.61
C PRO D 41 1.87 -29.06 -39.61
N SER D 42 2.32 -29.11 -38.35
CA SER D 42 1.59 -29.83 -37.32
C SER D 42 1.43 -28.96 -36.08
N ALA D 43 0.26 -29.04 -35.45
CA ALA D 43 -0.03 -28.31 -34.22
C ALA D 43 0.34 -29.10 -32.96
N GLY D 44 0.99 -30.26 -33.11
CA GLY D 44 1.35 -31.12 -32.02
C GLY D 44 1.99 -30.42 -30.82
N PRO D 45 3.12 -29.75 -31.03
CA PRO D 45 3.75 -29.06 -29.88
C PRO D 45 2.88 -28.02 -29.24
N MET D 46 2.17 -27.20 -30.03
CA MET D 46 1.19 -26.27 -29.45
C MET D 46 0.21 -27.00 -28.55
N LEU D 47 -0.31 -28.14 -29.01
CA LEU D 47 -1.32 -28.86 -28.23
C LEU D 47 -0.74 -29.42 -26.94
N THR D 48 0.50 -29.91 -26.96
CA THR D 48 1.13 -30.37 -25.73
C THR D 48 1.22 -29.25 -24.69
N LEU D 49 1.66 -28.06 -25.11
CA LEU D 49 1.84 -26.97 -24.15
C LEU D 49 0.51 -26.39 -23.67
N LEU D 50 -0.51 -26.43 -24.52
CA LEU D 50 -1.85 -26.02 -24.10
C LEU D 50 -2.35 -26.92 -22.99
N LEU D 51 -2.08 -28.22 -23.09
CA LEU D 51 -2.46 -29.13 -22.02
C LEU D 51 -1.76 -28.77 -20.71
N LEU D 52 -0.44 -28.50 -20.77
CA LEU D 52 0.28 -28.13 -19.56
C LEU D 52 -0.22 -26.81 -18.98
N GLU D 53 -0.57 -25.86 -19.85
CA GLU D 53 -1.11 -24.58 -19.42
C GLU D 53 -2.46 -24.76 -18.73
N ARG D 54 -3.35 -25.57 -19.32
CA ARG D 54 -4.65 -25.83 -18.71
C ARG D 54 -4.49 -26.54 -17.37
N LEU D 55 -3.52 -27.46 -17.29
CA LEU D 55 -3.26 -28.14 -16.02
C LEU D 55 -2.75 -27.16 -14.97
N HIS D 56 -1.82 -26.28 -15.36
CA HIS D 56 -1.33 -25.27 -14.43
C HIS D 56 -2.46 -24.41 -13.88
N ALA D 57 -3.36 -23.98 -14.75
CA ALA D 57 -4.48 -23.14 -14.34
C ALA D 57 -5.39 -23.90 -13.38
N ALA D 58 -5.74 -25.14 -13.72
CA ALA D 58 -6.60 -25.93 -12.86
C ALA D 58 -5.95 -26.20 -11.50
N LEU D 59 -4.65 -26.51 -11.49
CA LEU D 59 -3.94 -26.72 -10.23
C LEU D 59 -4.04 -25.49 -9.35
N GLY D 60 -3.78 -24.30 -9.93
CA GLY D 60 -3.81 -23.08 -9.15
C GLY D 60 -5.15 -22.80 -8.51
N ARG D 61 -6.25 -23.04 -9.23
CA ARG D 61 -7.57 -22.79 -8.66
C ARG D 61 -7.82 -23.69 -7.45
N GLU D 62 -7.28 -24.90 -7.47
CA GLU D 62 -7.45 -25.84 -6.36
C GLU D 62 -6.51 -25.48 -5.22
N ILE D 63 -5.23 -25.26 -5.54
CA ILE D 63 -4.21 -25.05 -4.51
C ILE D 63 -4.47 -23.75 -3.74
N GLU D 64 -4.87 -22.68 -4.44
CA GLU D 64 -5.00 -21.40 -3.75
C GLU D 64 -6.16 -21.39 -2.74
N ARG D 65 -7.08 -22.34 -2.83
CA ARG D 65 -8.20 -22.38 -1.89
C ARG D 65 -7.73 -22.63 -0.46
N THR D 66 -6.52 -23.13 -0.27
CA THR D 66 -6.00 -23.32 1.08
C THR D 66 -5.86 -22.00 1.81
N TYR D 67 -5.29 -20.99 1.16
CA TYR D 67 -4.92 -19.75 1.84
C TYR D 67 -5.74 -18.55 1.40
N ALA D 68 -6.66 -18.71 0.44
CA ALA D 68 -7.45 -17.57 -0.02
C ALA D 68 -8.24 -16.95 1.11
N ALA D 69 -8.87 -17.78 1.94
CA ALA D 69 -9.69 -17.28 3.02
C ALA D 69 -8.87 -16.70 4.15
N SER D 70 -7.54 -16.76 4.04
CA SER D 70 -6.64 -16.10 4.98
C SER D 70 -6.11 -14.77 4.46
N GLY D 71 -6.52 -14.35 3.27
CA GLY D 71 -6.06 -13.11 2.67
C GLY D 71 -4.71 -13.18 1.97
N LEU D 72 -4.16 -14.38 1.80
CA LEU D 72 -2.86 -14.57 1.15
C LEU D 72 -3.01 -14.83 -0.33
N ASN D 73 -2.06 -14.33 -1.13
CA ASN D 73 -1.94 -14.76 -2.52
C ASN D 73 -0.75 -15.73 -2.64
N ALA D 74 -0.56 -16.27 -3.85
CA ALA D 74 0.49 -17.26 -4.08
C ALA D 74 1.86 -16.74 -3.66
N ALA D 75 2.16 -15.48 -3.99
CA ALA D 75 3.42 -14.86 -3.61
C ALA D 75 3.60 -14.85 -2.10
N GLY D 76 2.56 -14.44 -1.37
CA GLY D 76 2.65 -14.40 0.09
C GLY D 76 2.81 -15.77 0.73
N TRP D 77 2.03 -16.75 0.25
CA TRP D 77 2.13 -18.11 0.77
C TRP D 77 3.53 -18.68 0.54
N ASP D 78 4.09 -18.46 -0.66
CA ASP D 78 5.45 -18.89 -0.96
C ASP D 78 6.45 -18.32 0.05
N LEU D 79 6.37 -17.02 0.30
CA LEU D 79 7.32 -16.41 1.24
C LEU D 79 7.16 -16.98 2.66
N LEU D 80 5.93 -17.10 3.16
CA LEU D 80 5.71 -17.68 4.48
C LEU D 80 6.23 -19.10 4.57
N LEU D 81 5.89 -19.94 3.58
CA LEU D 81 6.36 -21.32 3.60
C LEU D 81 7.87 -21.40 3.52
N THR D 82 8.49 -20.52 2.72
CA THR D 82 9.94 -20.49 2.62
C THR D 82 10.58 -20.20 3.97
N LEU D 83 10.06 -19.20 4.68
CA LEU D 83 10.57 -18.93 6.02
C LEU D 83 10.36 -20.12 6.93
N TYR D 84 9.18 -20.74 6.83
CA TYR D 84 8.83 -21.86 7.72
C TYR D 84 9.82 -23.01 7.60
N ARG D 85 10.15 -23.42 6.37
CA ARG D 85 10.97 -24.60 6.14
C ARG D 85 12.46 -24.30 6.01
N SER D 86 12.86 -23.08 5.67
CA SER D 86 14.26 -22.82 5.33
C SER D 86 14.93 -21.74 6.18
N ALA D 87 14.20 -20.92 6.91
CA ALA D 87 14.87 -19.88 7.65
C ALA D 87 15.46 -20.44 8.94
N PRO D 88 16.71 -20.13 9.25
CA PRO D 88 17.26 -20.47 10.56
C PRO D 88 16.71 -19.53 11.62
N PRO D 89 16.98 -19.78 12.91
CA PRO D 89 16.47 -18.87 13.94
C PRO D 89 16.83 -17.41 13.70
N GLU D 90 18.01 -17.14 13.16
CA GLU D 90 18.40 -15.76 12.87
C GLU D 90 17.63 -15.16 11.70
N GLY D 91 16.88 -15.95 10.94
CA GLY D 91 16.12 -15.41 9.83
C GLY D 91 16.89 -15.48 8.53
N LEU D 92 16.30 -14.90 7.48
CA LEU D 92 16.93 -14.83 6.18
C LEU D 92 16.98 -13.39 5.73
N ARG D 93 18.14 -12.94 5.27
N ARG D 93 18.15 -12.94 5.28
CA ARG D 93 18.26 -11.64 4.65
CA ARG D 93 18.25 -11.64 4.65
C ARG D 93 17.60 -11.68 3.27
C ARG D 93 17.59 -11.68 3.27
N PRO D 94 17.21 -10.53 2.71
CA PRO D 94 16.42 -10.56 1.46
C PRO D 94 17.01 -11.34 0.31
N THR D 95 18.31 -11.19 0.05
CA THR D 95 18.93 -11.93 -1.04
C THR D 95 18.76 -13.44 -0.84
N GLU D 96 19.08 -13.95 0.36
CA GLU D 96 18.95 -15.38 0.62
C GLU D 96 17.49 -15.83 0.57
N LEU D 97 16.60 -14.99 1.10
CA LEU D 97 15.17 -15.32 1.09
C LEU D 97 14.63 -15.44 -0.33
N SER D 98 15.01 -14.51 -1.20
CA SER D 98 14.58 -14.60 -2.59
C SER D 98 15.12 -15.87 -3.25
N ALA D 99 16.35 -16.27 -2.92
CA ALA D 99 16.96 -17.43 -3.57
C ALA D 99 16.34 -18.74 -3.10
N LEU D 100 15.80 -18.79 -1.89
CA LEU D 100 15.22 -20.02 -1.37
C LEU D 100 13.71 -20.10 -1.62
N ALA D 101 13.09 -19.01 -2.07
CA ALA D 101 11.68 -19.02 -2.38
C ALA D 101 11.43 -19.75 -3.68
N ALA D 102 10.22 -20.31 -3.82
CA ALA D 102 9.89 -21.06 -5.02
C ALA D 102 9.42 -20.18 -6.16
N ILE D 103 8.93 -18.98 -5.86
CA ILE D 103 8.42 -18.05 -6.87
C ILE D 103 9.39 -16.88 -7.00
N SER D 104 9.75 -16.55 -8.23
CA SER D 104 10.54 -15.37 -8.55
C SER D 104 9.88 -14.68 -9.73
N GLY D 105 9.98 -13.36 -9.77
CA GLY D 105 9.41 -12.63 -10.88
C GLY D 105 8.47 -11.52 -10.47
N PRO D 106 7.78 -10.95 -11.46
CA PRO D 106 6.98 -9.75 -11.20
C PRO D 106 5.87 -9.94 -10.18
N SER D 107 5.33 -11.15 -10.02
CA SER D 107 4.25 -11.37 -9.06
C SER D 107 4.72 -11.26 -7.61
N THR D 108 6.03 -11.28 -7.37
CA THR D 108 6.55 -11.15 -6.01
C THR D 108 6.77 -9.70 -5.61
N SER D 109 6.46 -8.74 -6.47
CA SER D 109 6.67 -7.34 -6.14
C SER D 109 5.89 -6.98 -4.87
N ASN D 110 6.61 -6.40 -3.89
CA ASN D 110 6.05 -5.87 -2.66
C ASN D 110 5.49 -6.93 -1.71
N ARG D 111 5.81 -8.21 -1.92
CA ARG D 111 5.26 -9.23 -1.02
C ARG D 111 5.85 -9.11 0.38
N ILE D 112 7.09 -8.66 0.51
CA ILE D 112 7.66 -8.40 1.82
C ILE D 112 6.86 -7.33 2.54
N VAL D 113 6.63 -6.20 1.85
CA VAL D 113 5.83 -5.11 2.40
C VAL D 113 4.45 -5.62 2.84
N ARG D 114 3.75 -6.33 1.95
CA ARG D 114 2.40 -6.76 2.25
C ARG D 114 2.36 -7.66 3.49
N LEU D 115 3.33 -8.55 3.63
CA LEU D 115 3.33 -9.45 4.78
C LEU D 115 3.74 -8.73 6.05
N LEU D 116 4.59 -7.72 5.93
CA LEU D 116 4.90 -6.87 7.08
C LEU D 116 3.68 -6.08 7.53
N GLU D 117 2.98 -5.43 6.60
CA GLU D 117 1.75 -4.71 6.93
C GLU D 117 0.72 -5.65 7.56
N LYS D 118 0.72 -6.93 7.18
CA LYS D 118 -0.16 -7.93 7.78
C LYS D 118 0.34 -8.43 9.13
N GLY D 119 1.59 -8.15 9.50
CA GLY D 119 2.12 -8.64 10.76
C GLY D 119 2.49 -10.12 10.78
N LEU D 120 2.69 -10.73 9.61
CA LEU D 120 3.01 -12.16 9.56
C LEU D 120 4.50 -12.40 9.52
N ILE D 121 5.29 -11.38 9.14
CA ILE D 121 6.74 -11.42 9.16
C ILE D 121 7.25 -10.15 9.83
N GLU D 122 8.53 -10.18 10.20
CA GLU D 122 9.20 -9.10 10.92
C GLU D 122 10.63 -8.97 10.43
N ARG D 123 11.29 -7.88 10.83
CA ARG D 123 12.70 -7.68 10.50
C ARG D 123 13.54 -7.60 11.77
N ALA D 133 18.61 -6.26 6.98
CA ALA D 133 18.05 -6.89 8.17
C ALA D 133 17.45 -8.25 7.81
N SER D 134 17.61 -9.22 8.70
CA SER D 134 17.04 -10.55 8.49
C SER D 134 15.55 -10.53 8.73
N ILE D 135 14.85 -11.39 8.00
CA ILE D 135 13.40 -11.49 8.04
C ILE D 135 13.02 -12.81 8.70
N ARG D 136 11.99 -12.77 9.54
CA ARG D 136 11.53 -13.94 10.27
C ARG D 136 10.01 -13.95 10.28
N LEU D 137 9.47 -15.14 10.51
CA LEU D 137 8.05 -15.26 10.83
C LEU D 137 7.78 -14.67 12.21
N THR D 138 6.70 -13.91 12.33
CA THR D 138 6.19 -13.52 13.64
C THR D 138 5.40 -14.69 14.21
N PRO D 139 5.05 -14.64 15.50
CA PRO D 139 4.17 -15.67 16.07
C PRO D 139 2.85 -15.84 15.32
N GLN D 140 2.25 -14.73 14.87
CA GLN D 140 1.03 -14.84 14.07
C GLN D 140 1.31 -15.52 12.73
N GLY D 141 2.38 -15.09 12.06
CA GLY D 141 2.75 -15.72 10.81
C GLY D 141 3.02 -17.21 10.95
N ARG D 142 3.82 -17.59 11.96
CA ARG D 142 4.14 -19.00 12.17
C ARG D 142 2.88 -19.81 12.51
N ALA D 143 2.00 -19.25 13.33
CA ALA D 143 0.78 -19.96 13.67
C ALA D 143 -0.07 -20.17 12.42
N LEU D 144 -0.09 -19.16 11.53
CA LEU D 144 -0.89 -19.28 10.30
C LEU D 144 -0.40 -20.44 9.44
N VAL D 145 0.92 -20.54 9.22
CA VAL D 145 1.46 -21.61 8.40
C VAL D 145 1.10 -22.96 9.00
N THR D 146 1.30 -23.12 10.31
CA THR D 146 0.97 -24.37 10.99
C THR D 146 -0.51 -24.70 10.83
N HIS D 147 -1.37 -23.68 10.90
CA HIS D 147 -2.81 -23.87 10.76
C HIS D 147 -3.19 -24.36 9.37
N LEU D 148 -2.60 -23.75 8.34
CA LEU D 148 -2.99 -24.00 6.95
C LEU D 148 -2.25 -25.17 6.33
N LEU D 149 -1.06 -25.51 6.82
CA LEU D 149 -0.26 -26.56 6.19
C LEU D 149 -0.98 -27.89 6.07
N PRO D 150 -1.74 -28.39 7.06
CA PRO D 150 -2.48 -29.65 6.82
C PRO D 150 -3.35 -29.63 5.58
N ALA D 151 -4.07 -28.54 5.32
CA ALA D 151 -4.91 -28.48 4.13
C ALA D 151 -4.07 -28.39 2.86
N HIS D 152 -2.93 -27.71 2.93
CA HIS D 152 -2.04 -27.64 1.77
C HIS D 152 -1.46 -29.01 1.44
N LEU D 153 -0.97 -29.73 2.46
CA LEU D 153 -0.44 -31.07 2.22
C LEU D 153 -1.51 -32.01 1.68
N ALA D 154 -2.71 -31.97 2.26
CA ALA D 154 -3.78 -32.83 1.75
C ALA D 154 -4.10 -32.51 0.30
N THR D 155 -4.20 -31.21 -0.02
CA THR D 155 -4.56 -30.79 -1.37
C THR D 155 -3.47 -31.13 -2.39
N THR D 156 -2.20 -30.90 -2.03
CA THR D 156 -1.14 -31.25 -2.99
C THR D 156 -1.12 -32.76 -3.25
N GLN D 157 -1.39 -33.56 -2.22
CA GLN D 157 -1.49 -35.00 -2.45
C GLN D 157 -2.71 -35.36 -3.30
N ARG D 158 -3.85 -34.68 -3.04
CA ARG D 158 -5.08 -35.01 -3.76
C ARG D 158 -4.96 -34.76 -5.26
N VAL D 159 -4.41 -33.60 -5.65
CA VAL D 159 -4.34 -33.28 -7.08
C VAL D 159 -3.37 -34.21 -7.84
N LEU D 160 -2.48 -34.90 -7.14
CA LEU D 160 -1.59 -35.88 -7.75
C LEU D 160 -2.13 -37.31 -7.68
N ALA D 161 -3.20 -37.53 -6.92
CA ALA D 161 -3.70 -38.89 -6.69
C ALA D 161 -4.03 -39.69 -7.95
N PRO D 162 -4.46 -39.08 -9.07
CA PRO D 162 -4.65 -39.89 -10.29
C PRO D 162 -3.42 -40.63 -10.76
N LEU D 163 -2.23 -40.19 -10.36
CA LEU D 163 -0.98 -40.80 -10.79
C LEU D 163 -0.41 -41.69 -9.69
N SER D 164 0.13 -42.85 -10.08
CA SER D 164 0.86 -43.68 -9.13
C SER D 164 2.19 -43.02 -8.76
N ALA D 165 2.83 -43.56 -7.72
CA ALA D 165 4.15 -43.05 -7.31
C ALA D 165 5.13 -43.05 -8.48
N GLN D 166 5.22 -44.16 -9.21
CA GLN D 166 6.12 -44.23 -10.37
C GLN D 166 5.74 -43.21 -11.44
N GLU D 167 4.44 -43.06 -11.71
CA GLU D 167 4.02 -42.07 -12.70
C GLU D 167 4.39 -40.66 -12.27
N GLN D 168 4.31 -40.36 -10.97
CA GLN D 168 4.76 -39.06 -10.48
C GLN D 168 6.26 -38.88 -10.68
N ARG D 169 7.06 -39.90 -10.36
CA ARG D 169 8.49 -39.84 -10.66
C ARG D 169 8.75 -39.63 -12.15
N THR D 170 7.97 -40.31 -13.02
CA THR D 170 8.15 -40.15 -14.46
C THR D 170 7.81 -38.73 -14.88
N LEU D 171 6.70 -38.19 -14.38
CA LEU D 171 6.33 -36.81 -14.67
C LEU D 171 7.43 -35.83 -14.27
N GLU D 172 8.00 -36.02 -13.07
CA GLU D 172 9.08 -35.15 -12.61
C GLU D 172 10.30 -35.23 -13.51
N GLU D 173 10.64 -36.44 -13.98
CA GLU D 173 11.80 -36.60 -14.86
C GLU D 173 11.60 -35.87 -16.18
N LEU D 174 10.42 -36.05 -16.79
CA LEU D 174 10.14 -35.39 -18.07
C LEU D 174 10.05 -33.88 -17.91
N ALA D 175 9.27 -33.41 -16.94
CA ALA D 175 9.18 -31.97 -16.72
C ALA D 175 10.54 -31.39 -16.35
N GLY D 176 11.32 -32.11 -15.54
CA GLY D 176 12.63 -31.64 -15.17
C GLY D 176 13.57 -31.49 -16.36
N ARG D 177 13.49 -32.44 -17.30
CA ARG D 177 14.35 -32.33 -18.48
C ARG D 177 13.96 -31.16 -19.37
N MET D 178 12.66 -30.91 -19.52
CA MET D 178 12.19 -29.73 -20.25
C MET D 178 12.71 -28.46 -19.58
N LEU D 179 12.53 -28.34 -18.26
CA LEU D 179 12.97 -27.15 -17.54
C LEU D 179 14.49 -26.97 -17.61
N ALA D 180 15.25 -28.06 -17.44
CA ALA D 180 16.70 -27.96 -17.58
C ALA D 180 17.08 -27.42 -18.95
N GLY D 181 16.36 -27.84 -20.00
CA GLY D 181 16.65 -27.32 -21.33
C GLY D 181 16.44 -25.82 -21.41
N LEU D 182 15.46 -25.30 -20.69
CA LEU D 182 15.15 -23.88 -20.67
C LEU D 182 16.08 -23.10 -19.76
N GLU D 183 16.73 -23.76 -18.80
CA GLU D 183 17.62 -23.07 -17.89
C GLU D 183 19.09 -23.16 -18.29
N GLN D 184 19.43 -23.98 -19.28
CA GLN D 184 20.82 -24.14 -19.68
C GLN D 184 21.27 -23.05 -20.64
#